data_1Q69
#
_entry.id   1Q69
#
loop_
_entity.id
_entity.type
_entity.pdbx_description
1 polymer 'T-cell surface glycoprotein CD8 alpha chain'
2 polymer 'Proto-oncogene tyrosine-protein kinase LCK'
3 non-polymer 'ZINC ION'
#
loop_
_entity_poly.entity_id
_entity_poly.type
_entity_poly.pdbx_seq_one_letter_code
_entity_poly.pdbx_strand_id
1 'polypeptide(L)' RNRRRVCKCPRPVVKSGDK A
2 'polypeptide(L)' SHPEDDWLENIDVCENCHYPIVPLDGKGT B
#
# COMPACT_ATOMS: atom_id res chain seq x y z
N ARG A 1 -17.62 6.18 8.28
CA ARG A 1 -17.52 5.91 9.75
C ARG A 1 -16.09 5.57 10.15
N ASN A 2 -15.52 4.57 9.50
CA ASN A 2 -14.16 4.14 9.79
C ASN A 2 -13.45 3.65 8.54
N ARG A 3 -12.35 4.31 8.17
CA ARG A 3 -11.59 3.92 6.99
C ARG A 3 -10.84 2.62 7.22
N ARG A 4 -10.46 1.96 6.14
CA ARG A 4 -9.73 0.71 6.22
C ARG A 4 -8.46 0.84 7.05
N ARG A 5 -8.28 -0.07 8.01
CA ARG A 5 -7.11 -0.05 8.87
C ARG A 5 -5.85 -0.41 8.09
N VAL A 6 -5.41 0.50 7.23
CA VAL A 6 -4.21 0.27 6.42
C VAL A 6 -3.01 1.02 6.99
N CYS A 7 -1.89 0.91 6.30
CA CYS A 7 -0.64 1.52 6.72
C CYS A 7 -0.81 2.98 7.14
N LYS A 8 -0.31 3.28 8.35
CA LYS A 8 -0.33 4.63 8.87
C LYS A 8 1.06 4.94 9.43
N CYS A 9 2.01 5.06 8.52
CA CYS A 9 3.39 5.36 8.89
C CYS A 9 3.71 6.82 8.60
N PRO A 10 4.35 7.52 9.56
CA PRO A 10 4.71 8.93 9.40
C PRO A 10 6.04 9.11 8.67
N ARG A 11 6.38 8.13 7.84
CA ARG A 11 7.62 8.15 7.08
C ARG A 11 7.89 6.77 6.48
N PRO A 12 7.14 6.39 5.43
CA PRO A 12 7.30 5.10 4.77
C PRO A 12 8.73 4.82 4.36
N VAL A 13 9.09 3.54 4.29
CA VAL A 13 10.45 3.15 3.90
C VAL A 13 10.66 3.36 2.40
N VAL A 14 11.71 4.11 2.07
CA VAL A 14 12.02 4.39 0.66
C VAL A 14 13.36 3.76 0.28
N LYS A 15 13.51 3.44 -1.01
CA LYS A 15 14.73 2.83 -1.51
C LYS A 15 15.87 3.84 -1.51
N SER A 16 16.56 3.93 -0.37
CA SER A 16 17.68 4.86 -0.23
C SER A 16 18.40 4.65 1.11
N GLY A 17 19.61 5.18 1.21
CA GLY A 17 20.37 5.05 2.44
C GLY A 17 20.55 6.37 3.16
N ASP A 18 21.59 6.45 3.98
CA ASP A 18 21.87 7.67 4.73
C ASP A 18 23.36 7.83 4.99
N LYS A 19 24.17 7.47 3.99
CA LYS A 19 25.62 7.57 4.10
C LYS A 19 26.25 7.89 2.75
N SER B 1 10.32 -11.88 -13.99
CA SER B 1 9.47 -12.89 -14.66
C SER B 1 8.11 -13.03 -13.98
N HIS B 2 7.10 -13.39 -14.76
CA HIS B 2 5.74 -13.55 -14.22
C HIS B 2 5.22 -12.23 -13.67
N PRO B 3 3.89 -12.04 -13.70
CA PRO B 3 3.26 -10.81 -13.19
C PRO B 3 3.33 -10.71 -11.68
N GLU B 4 3.59 -9.50 -11.18
CA GLU B 4 3.68 -9.26 -9.75
C GLU B 4 2.33 -8.87 -9.16
N ASP B 5 1.28 -9.52 -9.63
CA ASP B 5 -0.08 -9.24 -9.15
C ASP B 5 -0.57 -10.35 -8.23
N ASP B 6 -0.44 -10.14 -6.92
CA ASP B 6 -0.89 -11.11 -5.94
C ASP B 6 -1.32 -10.43 -4.64
N TRP B 7 -2.21 -9.46 -4.78
CA TRP B 7 -2.73 -8.72 -3.63
C TRP B 7 -3.66 -7.61 -4.09
N LEU B 8 -4.96 -7.93 -4.16
CA LEU B 8 -6.00 -7.01 -4.56
C LEU B 8 -5.48 -5.90 -5.48
N GLU B 9 -4.69 -6.32 -6.46
CA GLU B 9 -4.09 -5.42 -7.46
C GLU B 9 -2.59 -5.19 -7.18
N ASN B 10 -1.83 -6.27 -7.18
CA ASN B 10 -0.38 -6.22 -6.94
C ASN B 10 -0.04 -5.33 -5.75
N ILE B 11 -0.79 -5.47 -4.66
CA ILE B 11 -0.54 -4.70 -3.45
C ILE B 11 0.45 -5.40 -2.54
N ASP B 12 1.03 -4.64 -1.62
CA ASP B 12 2.00 -5.18 -0.68
C ASP B 12 1.64 -4.78 0.74
N VAL B 13 1.98 -5.63 1.71
CA VAL B 13 1.68 -5.34 3.11
C VAL B 13 2.88 -4.75 3.83
N CYS B 14 2.67 -3.60 4.46
CA CYS B 14 3.72 -2.91 5.20
C CYS B 14 3.99 -3.60 6.53
N GLU B 15 5.03 -4.44 6.56
CA GLU B 15 5.40 -5.17 7.77
C GLU B 15 5.66 -4.23 8.93
N ASN B 16 5.93 -2.96 8.62
CA ASN B 16 6.20 -1.97 9.66
C ASN B 16 5.04 -1.88 10.65
N CYS B 17 3.82 -1.92 10.12
CA CYS B 17 2.63 -1.84 10.95
C CYS B 17 1.67 -3.01 10.67
N HIS B 18 2.00 -3.84 9.69
CA HIS B 18 1.17 -4.99 9.32
C HIS B 18 -0.01 -4.57 8.45
N TYR B 19 -0.27 -3.27 8.36
CA TYR B 19 -1.35 -2.75 7.57
C TYR B 19 -0.95 -2.63 6.10
N PRO B 20 -1.83 -3.04 5.17
CA PRO B 20 -1.54 -3.01 3.74
C PRO B 20 -1.22 -1.62 3.20
N ILE B 21 -0.13 -1.51 2.46
CA ILE B 21 0.29 -0.24 1.87
C ILE B 21 -0.14 -0.18 0.40
N VAL B 22 -1.21 0.58 0.14
CA VAL B 22 -1.74 0.72 -1.21
C VAL B 22 -1.32 2.08 -1.74
N PRO B 23 -1.31 2.21 -3.05
CA PRO B 23 -0.95 3.42 -3.75
C PRO B 23 -2.16 4.31 -4.03
N LEU B 24 -1.91 5.60 -4.19
CA LEU B 24 -2.97 6.56 -4.45
C LEU B 24 -3.85 6.11 -5.60
N ASP B 25 -5.14 5.94 -5.33
CA ASP B 25 -6.09 5.51 -6.34
C ASP B 25 -6.97 6.67 -6.81
N GLY B 26 -6.62 7.24 -7.96
CA GLY B 26 -7.38 8.35 -8.49
C GLY B 26 -7.65 8.21 -9.98
N LYS B 27 -7.71 6.96 -10.45
CA LYS B 27 -7.97 6.70 -11.86
C LYS B 27 -8.83 5.44 -12.03
N GLY B 28 -9.52 5.35 -13.15
CA GLY B 28 -10.36 4.21 -13.42
C GLY B 28 -11.76 4.60 -13.85
N THR B 29 -12.21 5.77 -13.40
CA THR B 29 -13.54 6.26 -13.75
C THR B 29 -13.66 6.49 -15.26
N ARG A 1 -18.62 1.99 5.83
CA ARG A 1 -18.37 2.74 7.08
C ARG A 1 -17.21 2.13 7.87
N ASN A 2 -16.16 2.92 8.07
CA ASN A 2 -14.99 2.46 8.81
C ASN A 2 -14.32 1.29 8.09
N ARG A 3 -13.61 1.60 7.00
CA ARG A 3 -12.92 0.57 6.23
C ARG A 3 -11.77 -0.04 7.02
N ARG A 4 -11.26 -1.15 6.53
CA ARG A 4 -10.15 -1.85 7.19
C ARG A 4 -8.96 -0.92 7.40
N ARG A 5 -8.47 -0.88 8.64
CA ARG A 5 -7.33 -0.02 8.97
C ARG A 5 -6.12 -0.36 8.09
N VAL A 6 -5.43 0.67 7.64
CA VAL A 6 -4.26 0.49 6.78
C VAL A 6 -3.02 1.17 7.37
N CYS A 7 -1.95 1.16 6.60
CA CYS A 7 -0.67 1.72 7.01
C CYS A 7 -0.78 3.17 7.47
N LYS A 8 -0.23 3.43 8.65
CA LYS A 8 -0.17 4.76 9.21
C LYS A 8 1.25 5.00 9.71
N CYS A 9 2.17 5.10 8.77
CA CYS A 9 3.58 5.30 9.08
C CYS A 9 4.02 6.70 8.66
N PRO A 10 4.72 7.42 9.55
CA PRO A 10 5.23 8.77 9.25
C PRO A 10 6.31 8.72 8.19
N ARG A 11 5.89 8.49 6.95
CA ARG A 11 6.81 8.39 5.81
C ARG A 11 7.33 6.94 5.67
N PRO A 12 6.70 6.14 4.80
CA PRO A 12 7.09 4.74 4.60
C PRO A 12 8.58 4.60 4.27
N VAL A 13 9.07 3.36 4.34
CA VAL A 13 10.47 3.09 4.06
C VAL A 13 10.69 2.79 2.59
N VAL A 14 11.64 3.49 1.98
CA VAL A 14 11.93 3.30 0.55
C VAL A 14 12.77 2.05 0.33
N LYS A 15 12.34 1.21 -0.60
CA LYS A 15 13.06 -0.02 -0.90
C LYS A 15 14.19 0.24 -1.89
N SER A 16 15.42 -0.04 -1.45
CA SER A 16 16.60 0.17 -2.30
C SER A 16 16.79 1.66 -2.60
N GLY A 17 18.04 2.10 -2.55
CA GLY A 17 18.33 3.50 -2.82
C GLY A 17 18.96 4.20 -1.62
N ASP A 18 18.68 5.49 -1.49
CA ASP A 18 19.23 6.27 -0.38
C ASP A 18 18.69 7.70 -0.39
N LYS A 19 17.43 7.85 -0.75
CA LYS A 19 16.81 9.17 -0.82
C LYS A 19 16.05 9.46 0.47
N SER B 1 -2.20 6.21 -19.22
CA SER B 1 -3.43 5.97 -18.42
C SER B 1 -3.20 4.88 -17.36
N HIS B 2 -3.97 4.97 -16.28
CA HIS B 2 -3.86 4.00 -15.19
C HIS B 2 -5.01 2.99 -15.24
N PRO B 3 -4.75 1.73 -14.85
CA PRO B 3 -5.76 0.68 -14.84
C PRO B 3 -7.06 1.12 -14.18
N GLU B 4 -8.04 0.22 -14.13
CA GLU B 4 -9.34 0.52 -13.52
C GLU B 4 -9.34 0.14 -12.05
N ASP B 5 -8.25 0.44 -11.35
CA ASP B 5 -8.14 0.13 -9.93
C ASP B 5 -8.21 -1.37 -9.69
N ASP B 6 -7.07 -1.97 -9.39
CA ASP B 6 -6.99 -3.41 -9.13
C ASP B 6 -5.58 -3.83 -8.75
N TRP B 7 -5.12 -3.38 -7.58
CA TRP B 7 -3.79 -3.70 -7.11
C TRP B 7 -3.79 -4.91 -6.18
N LEU B 8 -4.72 -5.83 -6.43
CA LEU B 8 -4.83 -7.04 -5.64
C LEU B 8 -4.11 -8.20 -6.33
N GLU B 9 -2.91 -7.91 -6.78
CA GLU B 9 -2.09 -8.90 -7.47
C GLU B 9 -0.65 -8.84 -6.95
N ASN B 10 -0.47 -9.33 -5.72
CA ASN B 10 0.84 -9.33 -5.07
C ASN B 10 1.13 -7.98 -4.42
N ILE B 11 0.24 -7.57 -3.52
CA ILE B 11 0.38 -6.30 -2.83
C ILE B 11 1.53 -6.33 -1.83
N ASP B 12 2.01 -5.14 -1.47
CA ASP B 12 3.10 -5.01 -0.52
C ASP B 12 2.56 -4.65 0.86
N VAL B 13 2.53 -5.62 1.77
CA VAL B 13 2.03 -5.40 3.12
C VAL B 13 3.10 -4.79 4.02
N CYS B 14 2.87 -3.54 4.41
CA CYS B 14 3.82 -2.83 5.27
C CYS B 14 3.99 -3.55 6.60
N GLU B 15 5.01 -4.40 6.67
CA GLU B 15 5.30 -5.17 7.88
C GLU B 15 5.43 -4.27 9.10
N ASN B 16 5.75 -3.00 8.87
CA ASN B 16 5.90 -2.04 9.96
C ASN B 16 4.65 -2.01 10.84
N CYS B 17 3.49 -2.13 10.21
CA CYS B 17 2.23 -2.11 10.93
C CYS B 17 1.31 -3.25 10.49
N HIS B 18 1.76 -4.06 9.54
CA HIS B 18 0.97 -5.19 9.03
C HIS B 18 -0.19 -4.71 8.17
N TYR B 19 -0.26 -3.42 7.91
CA TYR B 19 -1.30 -2.84 7.10
C TYR B 19 -0.90 -2.82 5.62
N PRO B 20 -1.88 -2.92 4.71
CA PRO B 20 -1.62 -2.91 3.27
C PRO B 20 -1.33 -1.51 2.74
N ILE B 21 -0.05 -1.21 2.54
CA ILE B 21 0.34 0.10 2.03
C ILE B 21 -0.13 0.28 0.58
N VAL B 22 -1.23 0.97 0.42
CA VAL B 22 -1.81 1.23 -0.89
C VAL B 22 -1.56 2.68 -1.26
N PRO B 23 -1.58 2.97 -2.54
CA PRO B 23 -1.37 4.29 -3.10
C PRO B 23 -2.67 5.06 -3.25
N LEU B 24 -3.01 5.84 -2.23
CA LEU B 24 -4.23 6.63 -2.24
C LEU B 24 -4.37 7.43 -3.53
N ASP B 25 -5.58 7.92 -3.79
CA ASP B 25 -5.83 8.72 -4.99
C ASP B 25 -6.39 10.08 -4.63
N GLY B 26 -6.62 10.92 -5.64
CA GLY B 26 -7.15 12.24 -5.41
C GLY B 26 -8.50 12.22 -4.72
N LYS B 27 -8.57 12.80 -3.53
CA LYS B 27 -9.81 12.84 -2.77
C LYS B 27 -10.57 14.14 -3.03
N GLY B 28 -11.85 14.16 -2.65
CA GLY B 28 -12.66 15.34 -2.86
C GLY B 28 -13.68 15.15 -3.95
N THR B 29 -14.42 14.05 -3.88
CA THR B 29 -15.44 13.76 -4.89
C THR B 29 -16.18 12.47 -4.54
N ARG A 1 -18.38 7.92 8.88
CA ARG A 1 -17.49 7.32 7.85
C ARG A 1 -16.66 6.18 8.41
N ASN A 2 -16.47 5.14 7.61
CA ASN A 2 -15.71 3.98 8.04
C ASN A 2 -14.35 3.92 7.31
N ARG A 3 -13.28 4.17 8.06
CA ARG A 3 -11.94 4.15 7.49
C ARG A 3 -11.37 2.74 7.49
N ARG A 4 -10.41 2.50 6.61
CA ARG A 4 -9.78 1.18 6.50
C ARG A 4 -8.46 1.16 7.26
N ARG A 5 -8.25 0.09 8.04
CA ARG A 5 -7.03 -0.06 8.82
C ARG A 5 -5.85 -0.41 7.91
N VAL A 6 -5.33 0.59 7.21
CA VAL A 6 -4.20 0.39 6.31
C VAL A 6 -2.96 1.11 6.82
N CYS A 7 -1.90 1.09 6.00
CA CYS A 7 -0.63 1.70 6.37
C CYS A 7 -0.78 3.08 6.98
N LYS A 8 -0.27 3.22 8.21
CA LYS A 8 -0.26 4.47 8.90
C LYS A 8 1.12 4.72 9.47
N CYS A 9 2.05 4.96 8.56
CA CYS A 9 3.45 5.22 8.94
C CYS A 9 3.77 6.71 8.85
N PRO A 10 4.48 7.26 9.86
CA PRO A 10 4.85 8.66 9.88
C PRO A 10 6.15 8.93 9.13
N ARG A 11 6.46 8.06 8.17
CA ARG A 11 7.67 8.17 7.36
C ARG A 11 7.90 6.87 6.60
N PRO A 12 7.15 6.65 5.51
CA PRO A 12 7.27 5.44 4.71
C PRO A 12 8.70 5.16 4.28
N VAL A 13 9.11 3.89 4.41
CA VAL A 13 10.47 3.50 4.04
C VAL A 13 10.66 3.55 2.52
N VAL A 14 11.67 4.30 2.09
CA VAL A 14 11.97 4.42 0.67
C VAL A 14 12.86 3.29 0.19
N LYS A 15 12.81 3.01 -1.12
CA LYS A 15 13.62 1.95 -1.70
C LYS A 15 13.26 0.60 -1.09
N SER A 16 13.45 -0.47 -1.87
CA SER A 16 13.14 -1.82 -1.42
C SER A 16 14.41 -2.56 -1.03
N GLY A 17 14.97 -2.19 0.12
CA GLY A 17 16.19 -2.83 0.60
C GLY A 17 15.92 -4.18 1.24
N ASP A 18 16.97 -4.77 1.82
CA ASP A 18 16.83 -6.06 2.49
C ASP A 18 16.87 -5.90 4.00
N LYS A 19 15.88 -6.50 4.67
CA LYS A 19 15.81 -6.43 6.13
C LYS A 19 17.05 -7.02 6.77
N SER B 1 2.68 -16.88 -20.52
CA SER B 1 2.26 -15.68 -19.77
C SER B 1 2.42 -15.89 -18.26
N HIS B 2 2.10 -14.85 -17.48
CA HIS B 2 2.21 -14.93 -16.03
C HIS B 2 0.90 -14.54 -15.36
N PRO B 3 0.46 -15.31 -14.35
CA PRO B 3 -0.80 -15.03 -13.64
C PRO B 3 -0.84 -13.61 -13.09
N GLU B 4 -2.03 -13.01 -13.15
CA GLU B 4 -2.21 -11.64 -12.66
C GLU B 4 -2.62 -11.64 -11.18
N ASP B 5 -2.02 -12.52 -10.40
CA ASP B 5 -2.33 -12.61 -8.97
C ASP B 5 -1.10 -12.31 -8.13
N ASP B 6 -1.26 -11.47 -7.12
CA ASP B 6 -0.16 -11.11 -6.23
C ASP B 6 -0.64 -10.14 -5.14
N TRP B 7 -1.45 -10.66 -4.23
CA TRP B 7 -1.98 -9.86 -3.13
C TRP B 7 -2.98 -8.82 -3.64
N LEU B 8 -4.26 -9.19 -3.61
CA LEU B 8 -5.35 -8.34 -4.04
C LEU B 8 -4.93 -7.32 -5.08
N GLU B 9 -4.16 -7.79 -6.07
CA GLU B 9 -3.66 -6.96 -7.19
C GLU B 9 -2.26 -6.40 -6.91
N ASN B 10 -1.25 -7.26 -7.05
CA ASN B 10 0.15 -6.87 -6.84
C ASN B 10 0.31 -5.97 -5.63
N ILE B 11 -0.39 -6.29 -4.56
CA ILE B 11 -0.32 -5.50 -3.33
C ILE B 11 0.71 -6.09 -2.37
N ASP B 12 1.11 -5.29 -1.38
CA ASP B 12 2.10 -5.74 -0.39
C ASP B 12 1.72 -5.21 1.00
N VAL B 13 1.84 -6.08 1.99
CA VAL B 13 1.53 -5.71 3.37
C VAL B 13 2.72 -5.06 4.05
N CYS B 14 2.57 -3.79 4.39
CA CYS B 14 3.64 -3.04 5.06
C CYS B 14 3.94 -3.62 6.44
N GLU B 15 4.91 -4.53 6.48
CA GLU B 15 5.30 -5.18 7.73
C GLU B 15 5.62 -4.15 8.81
N ASN B 16 5.98 -2.95 8.40
CA ASN B 16 6.32 -1.89 9.33
C ASN B 16 5.18 -1.66 10.33
N CYS B 17 3.95 -1.76 9.83
CA CYS B 17 2.77 -1.57 10.68
C CYS B 17 1.76 -2.70 10.53
N HIS B 18 2.04 -3.63 9.61
CA HIS B 18 1.14 -4.77 9.36
C HIS B 18 -0.04 -4.39 8.46
N TYR B 19 -0.28 -3.08 8.33
CA TYR B 19 -1.36 -2.59 7.51
C TYR B 19 -0.95 -2.53 6.04
N PRO B 20 -1.82 -2.99 5.12
CA PRO B 20 -1.53 -3.00 3.68
C PRO B 20 -1.22 -1.62 3.11
N ILE B 21 -0.14 -1.55 2.34
CA ILE B 21 0.26 -0.29 1.70
C ILE B 21 -0.26 -0.23 0.27
N VAL B 22 -1.37 0.48 0.08
CA VAL B 22 -1.99 0.62 -1.23
C VAL B 22 -1.90 2.08 -1.64
N PRO B 23 -1.99 2.32 -2.93
CA PRO B 23 -1.95 3.64 -3.52
C PRO B 23 -3.32 4.29 -3.62
N LEU B 24 -3.56 5.29 -2.77
CA LEU B 24 -4.84 5.99 -2.75
C LEU B 24 -5.26 6.43 -4.15
N ASP B 25 -6.53 6.25 -4.46
CA ASP B 25 -7.06 6.63 -5.77
C ASP B 25 -8.58 6.45 -5.82
N GLY B 26 -9.30 7.54 -5.99
CA GLY B 26 -10.75 7.47 -6.05
C GLY B 26 -11.36 8.75 -6.60
N LYS B 27 -10.96 9.12 -7.81
CA LYS B 27 -11.48 10.32 -8.46
C LYS B 27 -12.79 10.02 -9.17
N GLY B 28 -13.70 10.99 -9.15
CA GLY B 28 -14.99 10.81 -9.80
C GLY B 28 -15.21 11.81 -10.92
N THR B 29 -15.47 13.06 -10.56
CA THR B 29 -15.70 14.10 -11.56
C THR B 29 -14.52 15.07 -11.62
N ARG A 1 -14.17 10.89 8.60
CA ARG A 1 -14.62 9.56 8.10
C ARG A 1 -13.63 8.47 8.49
N ASN A 2 -14.15 7.32 8.91
CA ASN A 2 -13.32 6.20 9.32
C ASN A 2 -12.89 5.38 8.11
N ARG A 3 -11.63 5.56 7.70
CA ARG A 3 -11.09 4.84 6.56
C ARG A 3 -10.62 3.45 6.95
N ARG A 4 -10.39 2.60 5.96
CA ARG A 4 -9.94 1.23 6.20
C ARG A 4 -8.64 1.20 7.01
N ARG A 5 -8.60 0.36 8.02
CA ARG A 5 -7.41 0.23 8.86
C ARG A 5 -6.21 -0.21 8.03
N VAL A 6 -5.46 0.77 7.54
CA VAL A 6 -4.27 0.49 6.73
C VAL A 6 -3.04 1.16 7.31
N CYS A 7 -1.93 1.06 6.58
CA CYS A 7 -0.65 1.62 7.01
C CYS A 7 -0.75 3.07 7.44
N LYS A 8 -0.23 3.34 8.63
CA LYS A 8 -0.18 4.69 9.16
C LYS A 8 1.23 4.93 9.69
N CYS A 9 2.17 5.02 8.76
CA CYS A 9 3.57 5.25 9.09
C CYS A 9 4.01 6.64 8.68
N PRO A 10 4.69 7.39 9.57
CA PRO A 10 5.17 8.74 9.28
C PRO A 10 6.31 8.71 8.26
N ARG A 11 5.96 8.78 6.98
CA ARG A 11 6.95 8.73 5.91
C ARG A 11 7.50 7.33 5.74
N PRO A 12 6.79 6.48 4.98
CA PRO A 12 7.19 5.09 4.75
C PRO A 12 8.66 4.97 4.37
N VAL A 13 9.24 3.79 4.61
CA VAL A 13 10.64 3.55 4.29
C VAL A 13 10.84 3.33 2.79
N VAL A 14 11.87 3.96 2.24
CA VAL A 14 12.17 3.84 0.82
C VAL A 14 13.61 3.37 0.60
N LYS A 15 13.80 2.53 -0.41
CA LYS A 15 15.13 2.02 -0.73
C LYS A 15 15.28 1.79 -2.22
N SER A 16 16.14 2.58 -2.86
CA SER A 16 16.38 2.45 -4.30
C SER A 16 17.24 1.23 -4.61
N GLY A 17 17.16 0.75 -5.84
CA GLY A 17 17.93 -0.41 -6.24
C GLY A 17 19.27 -0.03 -6.85
N ASP A 18 20.04 0.78 -6.14
CA ASP A 18 21.34 1.22 -6.62
C ASP A 18 22.31 1.45 -5.47
N LYS A 19 22.17 0.64 -4.42
CA LYS A 19 23.03 0.75 -3.25
C LYS A 19 23.00 -0.55 -2.43
N SER B 1 -12.73 8.57 -5.83
CA SER B 1 -13.94 8.06 -5.13
C SER B 1 -14.31 6.67 -5.64
N HIS B 2 -13.29 5.85 -5.90
CA HIS B 2 -13.51 4.49 -6.38
C HIS B 2 -13.01 3.47 -5.37
N PRO B 3 -13.57 2.24 -5.39
CA PRO B 3 -13.18 1.18 -4.47
C PRO B 3 -11.78 0.65 -4.76
N GLU B 4 -10.94 0.60 -3.73
CA GLU B 4 -9.57 0.12 -3.87
C GLU B 4 -9.49 -1.38 -3.62
N ASP B 5 -10.49 -2.13 -4.09
CA ASP B 5 -10.52 -3.57 -3.91
C ASP B 5 -9.73 -4.28 -5.01
N ASP B 6 -8.40 -4.23 -4.90
CA ASP B 6 -7.53 -4.86 -5.88
C ASP B 6 -6.09 -4.92 -5.38
N TRP B 7 -5.91 -5.56 -4.23
CA TRP B 7 -4.59 -5.69 -3.63
C TRP B 7 -4.64 -6.52 -2.34
N LEU B 8 -5.44 -7.57 -2.37
CA LEU B 8 -5.59 -8.46 -1.22
C LEU B 8 -5.11 -9.87 -1.59
N GLU B 9 -3.89 -9.94 -2.08
CA GLU B 9 -3.29 -11.22 -2.49
C GLU B 9 -1.78 -11.13 -2.43
N ASN B 10 -1.22 -11.36 -1.24
CA ASN B 10 0.23 -11.31 -1.03
C ASN B 10 0.82 -10.02 -1.59
N ILE B 11 0.05 -8.94 -1.48
CA ILE B 11 0.49 -7.64 -1.96
C ILE B 11 1.44 -6.98 -0.97
N ASP B 12 2.14 -5.95 -1.43
CA ASP B 12 3.09 -5.23 -0.59
C ASP B 12 2.43 -4.68 0.66
N VAL B 13 2.35 -5.51 1.71
CA VAL B 13 1.75 -5.09 2.96
C VAL B 13 2.82 -4.64 3.94
N CYS B 14 2.83 -3.34 4.24
CA CYS B 14 3.79 -2.77 5.17
C CYS B 14 3.92 -3.60 6.44
N GLU B 15 4.90 -4.51 6.45
CA GLU B 15 5.14 -5.36 7.60
C GLU B 15 5.42 -4.56 8.86
N ASN B 16 5.83 -3.31 8.68
CA ASN B 16 6.12 -2.43 9.82
C ASN B 16 4.93 -2.35 10.76
N CYS B 17 3.73 -2.30 10.18
CA CYS B 17 2.50 -2.22 10.95
C CYS B 17 1.52 -3.33 10.58
N HIS B 18 1.88 -4.11 9.56
CA HIS B 18 1.04 -5.22 9.10
C HIS B 18 -0.12 -4.72 8.23
N TYR B 19 -0.31 -3.40 8.19
CA TYR B 19 -1.36 -2.80 7.39
C TYR B 19 -0.98 -2.78 5.91
N PRO B 20 -1.96 -3.00 5.03
CA PRO B 20 -1.73 -3.03 3.58
C PRO B 20 -1.45 -1.65 3.00
N ILE B 21 -0.19 -1.40 2.63
CA ILE B 21 0.19 -0.12 2.04
C ILE B 21 -0.27 -0.05 0.59
N VAL B 22 -1.35 0.69 0.36
CA VAL B 22 -1.91 0.84 -0.98
C VAL B 22 -1.56 2.23 -1.49
N PRO B 23 -1.58 2.39 -2.80
CA PRO B 23 -1.29 3.63 -3.48
C PRO B 23 -2.54 4.48 -3.70
N LEU B 24 -2.39 5.78 -3.51
CA LEU B 24 -3.50 6.71 -3.68
C LEU B 24 -4.21 6.50 -5.02
N ASP B 25 -5.50 6.77 -5.04
CA ASP B 25 -6.30 6.61 -6.25
C ASP B 25 -5.85 7.60 -7.33
N GLY B 26 -5.56 7.08 -8.52
CA GLY B 26 -5.13 7.94 -9.61
C GLY B 26 -3.91 7.38 -10.33
N LYS B 27 -4.14 6.69 -11.44
CA LYS B 27 -3.06 6.11 -12.22
C LYS B 27 -2.27 5.10 -11.39
N GLY B 28 -2.45 3.82 -11.68
CA GLY B 28 -1.75 2.78 -10.96
C GLY B 28 -2.68 1.70 -10.45
N THR B 29 -3.92 2.07 -10.16
CA THR B 29 -4.91 1.11 -9.67
C THR B 29 -6.31 1.50 -10.13
N ARG A 1 -20.64 -1.74 7.87
CA ARG A 1 -19.47 -2.64 8.05
C ARG A 1 -18.35 -1.93 8.79
N ASN A 2 -17.47 -2.72 9.42
CA ASN A 2 -16.35 -2.16 10.16
C ASN A 2 -15.44 -1.34 9.25
N ARG A 3 -14.84 -0.30 9.80
CA ARG A 3 -13.94 0.56 9.02
C ARG A 3 -12.73 -0.22 8.54
N ARG A 4 -12.13 0.27 7.45
CA ARG A 4 -10.95 -0.38 6.88
C ARG A 4 -9.66 0.32 7.30
N ARG A 5 -8.84 -0.38 8.07
CA ARG A 5 -7.57 0.19 8.54
C ARG A 5 -6.43 -0.18 7.59
N VAL A 6 -5.43 0.68 7.50
CA VAL A 6 -4.28 0.44 6.63
C VAL A 6 -3.04 1.16 7.14
N CYS A 7 -1.98 1.11 6.33
CA CYS A 7 -0.69 1.71 6.68
C CYS A 7 -0.84 3.14 7.22
N LYS A 8 -0.32 3.34 8.43
CA LYS A 8 -0.32 4.64 9.05
C LYS A 8 1.08 4.92 9.58
N CYS A 9 2.00 5.10 8.66
CA CYS A 9 3.40 5.37 9.00
C CYS A 9 3.74 6.84 8.75
N PRO A 10 4.48 7.47 9.69
CA PRO A 10 4.88 8.87 9.56
C PRO A 10 6.18 9.04 8.76
N ARG A 11 6.45 8.06 7.90
CA ARG A 11 7.66 8.08 7.07
C ARG A 11 7.88 6.69 6.46
N PRO A 12 7.09 6.35 5.43
CA PRO A 12 7.19 5.05 4.76
C PRO A 12 8.62 4.72 4.33
N VAL A 13 8.91 3.42 4.20
CA VAL A 13 10.24 2.97 3.79
C VAL A 13 10.52 3.32 2.34
N VAL A 14 11.77 3.64 2.04
CA VAL A 14 12.16 3.98 0.68
C VAL A 14 13.18 2.99 0.13
N LYS A 15 12.74 2.15 -0.80
CA LYS A 15 13.60 1.15 -1.40
C LYS A 15 14.17 0.20 -0.35
N SER A 16 13.37 -0.81 0.02
CA SER A 16 13.78 -1.78 1.01
C SER A 16 14.60 -2.89 0.39
N GLY A 17 14.91 -3.92 1.18
CA GLY A 17 15.68 -5.04 0.67
C GLY A 17 15.00 -6.38 0.91
N ASP A 18 14.92 -6.79 2.17
CA ASP A 18 14.28 -8.04 2.52
C ASP A 18 12.77 -7.90 2.59
N LYS A 19 12.10 -8.24 1.50
CA LYS A 19 10.65 -8.14 1.42
C LYS A 19 9.98 -9.16 2.36
N SER B 1 -8.63 -25.08 -6.06
CA SER B 1 -7.35 -25.38 -5.36
C SER B 1 -6.60 -24.10 -5.01
N HIS B 2 -6.33 -23.28 -6.02
CA HIS B 2 -5.63 -22.01 -5.83
C HIS B 2 -6.59 -20.83 -5.89
N PRO B 3 -6.32 -19.77 -5.11
CA PRO B 3 -7.17 -18.58 -5.09
C PRO B 3 -7.03 -17.75 -6.36
N GLU B 4 -8.17 -17.32 -6.91
CA GLU B 4 -8.18 -16.52 -8.13
C GLU B 4 -8.13 -15.02 -7.79
N ASP B 5 -7.34 -14.66 -6.79
CA ASP B 5 -7.22 -13.26 -6.39
C ASP B 5 -5.88 -13.03 -5.68
N ASP B 6 -5.41 -11.78 -5.75
CA ASP B 6 -4.14 -11.42 -5.12
C ASP B 6 -3.98 -9.90 -5.06
N TRP B 7 -4.87 -9.25 -4.32
CA TRP B 7 -4.85 -7.80 -4.17
C TRP B 7 -4.60 -7.10 -5.50
N LEU B 8 -5.68 -6.91 -6.26
CA LEU B 8 -5.63 -6.24 -7.54
C LEU B 8 -4.28 -6.41 -8.23
N GLU B 9 -3.80 -7.64 -8.23
CA GLU B 9 -2.51 -7.97 -8.84
C GLU B 9 -1.44 -6.96 -8.47
N ASN B 10 -1.33 -6.68 -7.18
CA ASN B 10 -0.36 -5.72 -6.67
C ASN B 10 -0.43 -5.66 -5.15
N ILE B 11 -0.16 -6.79 -4.49
CA ILE B 11 -0.20 -6.85 -3.04
C ILE B 11 1.04 -6.23 -2.42
N ASP B 12 0.88 -5.66 -1.23
CA ASP B 12 1.98 -5.03 -0.52
C ASP B 12 1.62 -4.79 0.95
N VAL B 13 2.15 -5.63 1.82
CA VAL B 13 1.88 -5.51 3.26
C VAL B 13 3.04 -4.83 3.98
N CYS B 14 2.80 -3.62 4.46
CA CYS B 14 3.82 -2.86 5.18
C CYS B 14 4.12 -3.51 6.52
N GLU B 15 5.13 -4.38 6.54
CA GLU B 15 5.51 -5.08 7.77
C GLU B 15 5.72 -4.11 8.93
N ASN B 16 6.04 -2.86 8.61
CA ASN B 16 6.25 -1.85 9.63
C ASN B 16 5.06 -1.74 10.57
N CYS B 17 3.86 -1.91 10.02
CA CYS B 17 2.63 -1.82 10.81
C CYS B 17 1.68 -2.97 10.50
N HIS B 18 2.06 -3.85 9.57
CA HIS B 18 1.22 -4.99 9.18
C HIS B 18 0.12 -4.57 8.20
N TYR B 19 -0.19 -3.28 8.17
CA TYR B 19 -1.21 -2.74 7.29
C TYR B 19 -0.75 -2.81 5.83
N PRO B 20 -1.70 -3.00 4.90
CA PRO B 20 -1.39 -3.09 3.47
C PRO B 20 -1.17 -1.74 2.82
N ILE B 21 0.09 -1.42 2.53
CA ILE B 21 0.43 -0.16 1.88
C ILE B 21 -0.08 -0.13 0.44
N VAL B 22 -1.20 0.57 0.24
CA VAL B 22 -1.80 0.68 -1.07
C VAL B 22 -1.81 2.15 -1.47
N PRO B 23 -1.89 2.41 -2.77
CA PRO B 23 -1.91 3.73 -3.34
C PRO B 23 -3.32 4.29 -3.46
N LEU B 24 -3.62 5.32 -2.67
CA LEU B 24 -4.93 5.94 -2.67
C LEU B 24 -5.37 6.30 -4.09
N ASP B 25 -6.68 6.33 -4.30
CA ASP B 25 -7.24 6.66 -5.61
C ASP B 25 -7.48 8.16 -5.73
N GLY B 26 -7.85 8.60 -6.93
CA GLY B 26 -8.11 10.01 -7.16
C GLY B 26 -7.16 10.62 -8.18
N LYS B 27 -7.72 11.29 -9.18
CA LYS B 27 -6.92 11.92 -10.22
C LYS B 27 -6.24 13.19 -9.69
N GLY B 28 -7.04 14.24 -9.50
CA GLY B 28 -6.50 15.49 -9.00
C GLY B 28 -6.01 15.39 -7.57
N THR B 29 -6.95 15.40 -6.63
CA THR B 29 -6.61 15.31 -5.21
C THR B 29 -7.85 15.01 -4.37
N ARG A 1 -18.45 5.22 5.70
CA ARG A 1 -17.25 5.12 4.82
C ARG A 1 -15.99 4.87 5.63
N ASN A 2 -15.98 3.78 6.39
CA ASN A 2 -14.84 3.42 7.21
C ASN A 2 -14.15 2.18 6.68
N ARG A 3 -13.32 2.36 5.64
CA ARG A 3 -12.60 1.25 5.03
C ARG A 3 -11.68 0.57 6.04
N ARG A 4 -11.24 -0.63 5.72
CA ARG A 4 -10.36 -1.39 6.59
C ARG A 4 -9.10 -0.59 6.95
N ARG A 5 -8.68 -0.67 8.20
CA ARG A 5 -7.50 0.04 8.66
C ARG A 5 -6.29 -0.32 7.81
N VAL A 6 -5.41 0.66 7.58
CA VAL A 6 -4.22 0.44 6.77
C VAL A 6 -2.99 1.12 7.40
N CYS A 7 -1.90 1.08 6.66
CA CYS A 7 -0.63 1.64 7.12
C CYS A 7 -0.74 3.09 7.57
N LYS A 8 -0.19 3.37 8.74
CA LYS A 8 -0.14 4.71 9.29
C LYS A 8 1.27 4.96 9.79
N CYS A 9 2.18 5.06 8.84
CA CYS A 9 3.60 5.30 9.14
C CYS A 9 4.04 6.67 8.65
N PRO A 10 4.84 7.39 9.45
CA PRO A 10 5.34 8.71 9.07
C PRO A 10 6.39 8.62 7.97
N ARG A 11 5.93 8.62 6.72
CA ARG A 11 6.83 8.52 5.58
C ARG A 11 7.38 7.11 5.46
N PRO A 12 6.59 6.19 4.87
CA PRO A 12 6.99 4.78 4.69
C PRO A 12 8.39 4.65 4.10
N VAL A 13 8.95 3.45 4.20
CA VAL A 13 10.28 3.18 3.68
C VAL A 13 10.23 2.84 2.19
N VAL A 14 11.15 3.43 1.44
CA VAL A 14 11.21 3.19 0.00
C VAL A 14 12.02 1.94 -0.33
N LYS A 15 11.55 1.17 -1.30
CA LYS A 15 12.23 -0.05 -1.71
C LYS A 15 13.23 0.22 -2.82
N SER A 16 14.49 -0.10 -2.56
CA SER A 16 15.55 0.11 -3.54
C SER A 16 15.94 -1.20 -4.20
N GLY A 17 15.14 -1.64 -5.17
CA GLY A 17 15.43 -2.88 -5.87
C GLY A 17 14.81 -4.08 -5.18
N ASP A 18 15.45 -5.24 -5.34
CA ASP A 18 14.95 -6.47 -4.73
C ASP A 18 13.53 -6.79 -5.20
N LYS A 19 13.42 -7.48 -6.33
CA LYS A 19 12.12 -7.84 -6.88
C LYS A 19 11.73 -9.25 -6.47
N SER B 1 7.80 -6.73 -18.68
CA SER B 1 8.18 -5.53 -17.88
C SER B 1 7.83 -5.71 -16.41
N HIS B 2 6.54 -5.65 -16.10
CA HIS B 2 6.08 -5.81 -14.72
C HIS B 2 4.87 -6.74 -14.66
N PRO B 3 5.03 -7.95 -14.08
CA PRO B 3 3.95 -8.93 -13.97
C PRO B 3 2.67 -8.31 -13.42
N GLU B 4 1.53 -8.80 -13.92
CA GLU B 4 0.23 -8.29 -13.49
C GLU B 4 -0.30 -9.10 -12.30
N ASP B 5 0.58 -9.44 -11.38
CA ASP B 5 0.19 -10.22 -10.20
C ASP B 5 1.23 -10.09 -9.09
N ASP B 6 0.94 -9.23 -8.11
CA ASP B 6 1.85 -9.01 -7.00
C ASP B 6 1.15 -8.27 -5.86
N TRP B 7 0.12 -8.91 -5.29
CA TRP B 7 -0.65 -8.32 -4.20
C TRP B 7 -1.61 -7.25 -4.72
N LEU B 8 -2.85 -7.67 -4.98
CA LEU B 8 -3.91 -6.81 -5.46
C LEU B 8 -3.39 -5.61 -6.24
N GLU B 9 -2.45 -5.90 -7.15
CA GLU B 9 -1.83 -4.89 -8.04
C GLU B 9 -0.48 -4.40 -7.51
N ASN B 10 0.53 -5.27 -7.59
CA ASN B 10 1.89 -4.94 -7.15
C ASN B 10 1.90 -4.20 -5.81
N ILE B 11 1.09 -4.68 -4.88
CA ILE B 11 1.02 -4.05 -3.55
C ILE B 11 1.91 -4.79 -2.56
N ASP B 12 2.21 -4.13 -1.45
CA ASP B 12 3.06 -4.72 -0.41
C ASP B 12 2.50 -4.39 0.97
N VAL B 13 2.44 -5.42 1.83
CA VAL B 13 1.93 -5.23 3.18
C VAL B 13 3.01 -4.71 4.12
N CYS B 14 2.89 -3.43 4.48
CA CYS B 14 3.85 -2.79 5.38
C CYS B 14 3.98 -3.58 6.68
N GLU B 15 4.98 -4.46 6.72
CA GLU B 15 5.23 -5.29 7.89
C GLU B 15 5.38 -4.45 9.15
N ASN B 16 5.73 -3.18 8.99
CA ASN B 16 5.90 -2.28 10.13
C ASN B 16 4.65 -2.25 11.00
N CYS B 17 3.49 -2.26 10.35
CA CYS B 17 2.21 -2.25 11.06
C CYS B 17 1.30 -3.38 10.61
N HIS B 18 1.74 -4.16 9.61
CA HIS B 18 0.95 -5.28 9.10
C HIS B 18 -0.17 -4.81 8.17
N TYR B 19 -0.30 -3.49 8.02
CA TYR B 19 -1.32 -2.91 7.16
C TYR B 19 -0.86 -2.88 5.71
N PRO B 20 -1.80 -3.00 4.76
CA PRO B 20 -1.47 -2.99 3.33
C PRO B 20 -1.20 -1.59 2.80
N ILE B 21 0.08 -1.26 2.63
CA ILE B 21 0.46 0.06 2.12
C ILE B 21 0.03 0.20 0.66
N VAL B 22 -1.07 0.92 0.44
CA VAL B 22 -1.60 1.15 -0.89
C VAL B 22 -1.42 2.63 -1.23
N PRO B 23 -1.42 2.93 -2.51
CA PRO B 23 -1.28 4.27 -3.04
C PRO B 23 -2.63 4.96 -3.21
N LEU B 24 -3.14 5.54 -2.12
CA LEU B 24 -4.42 6.23 -2.15
C LEU B 24 -4.48 7.24 -3.29
N ASP B 25 -5.67 7.41 -3.85
CA ASP B 25 -5.88 8.34 -4.95
C ASP B 25 -6.34 9.69 -4.44
N GLY B 26 -6.20 10.73 -5.27
CA GLY B 26 -6.61 12.06 -4.87
C GLY B 26 -7.50 12.72 -5.91
N LYS B 27 -7.35 14.03 -6.07
CA LYS B 27 -8.14 14.78 -7.04
C LYS B 27 -7.25 15.33 -8.16
N GLY B 28 -6.32 14.51 -8.62
CA GLY B 28 -5.42 14.94 -9.67
C GLY B 28 -6.16 15.34 -10.93
N THR B 29 -5.94 16.58 -11.38
CA THR B 29 -6.59 17.08 -12.59
C THR B 29 -5.55 17.59 -13.58
N ARG A 1 -19.12 5.91 6.60
CA ARG A 1 -17.88 6.13 5.81
C ARG A 1 -16.64 6.16 6.71
N ASN A 2 -16.35 5.03 7.35
CA ASN A 2 -15.21 4.92 8.23
C ASN A 2 -13.94 4.56 7.45
N ARG A 3 -12.81 5.11 7.86
CA ARG A 3 -11.55 4.84 7.20
C ARG A 3 -11.17 3.37 7.30
N ARG A 4 -10.24 2.95 6.46
CA ARG A 4 -9.79 1.56 6.45
C ARG A 4 -8.52 1.39 7.28
N ARG A 5 -8.54 0.42 8.19
CA ARG A 5 -7.39 0.16 9.05
C ARG A 5 -6.19 -0.27 8.22
N VAL A 6 -5.49 0.70 7.64
CA VAL A 6 -4.31 0.43 6.81
C VAL A 6 -3.09 1.16 7.34
N CYS A 7 -2.00 1.09 6.57
CA CYS A 7 -0.73 1.69 6.94
C CYS A 7 -0.87 3.11 7.45
N LYS A 8 -0.29 3.36 8.62
CA LYS A 8 -0.27 4.67 9.22
C LYS A 8 1.14 4.98 9.68
N CYS A 9 2.01 5.16 8.71
CA CYS A 9 3.42 5.46 8.99
C CYS A 9 3.75 6.90 8.61
N PRO A 10 4.47 7.63 9.49
CA PRO A 10 4.86 9.01 9.24
C PRO A 10 6.18 9.11 8.46
N ARG A 11 6.45 8.08 7.67
CA ARG A 11 7.66 8.02 6.85
C ARG A 11 7.85 6.61 6.32
N PRO A 12 7.05 6.21 5.32
CA PRO A 12 7.12 4.88 4.72
C PRO A 12 8.53 4.54 4.23
N VAL A 13 8.85 3.26 4.21
CA VAL A 13 10.16 2.80 3.75
C VAL A 13 10.23 2.76 2.23
N VAL A 14 11.29 3.33 1.67
CA VAL A 14 11.48 3.36 0.23
C VAL A 14 11.96 2.01 -0.28
N LYS A 15 11.36 1.54 -1.37
CA LYS A 15 11.73 0.26 -1.97
C LYS A 15 13.06 0.36 -2.68
N SER A 16 13.97 -0.55 -2.36
CA SER A 16 15.30 -0.57 -2.99
C SER A 16 16.06 0.71 -2.65
N GLY A 17 17.23 0.86 -3.27
CA GLY A 17 18.05 2.04 -3.03
C GLY A 17 18.53 2.68 -4.32
N ASP A 18 17.64 2.80 -5.30
CA ASP A 18 17.98 3.39 -6.59
C ASP A 18 18.04 4.91 -6.48
N LYS A 19 19.19 5.43 -6.07
CA LYS A 19 19.38 6.87 -5.92
C LYS A 19 18.41 7.45 -4.90
N SER B 1 -14.84 -6.76 -20.68
CA SER B 1 -14.58 -5.46 -20.01
C SER B 1 -13.96 -5.66 -18.64
N HIS B 2 -12.63 -5.51 -18.56
CA HIS B 2 -11.91 -5.68 -17.31
C HIS B 2 -11.10 -4.43 -16.98
N PRO B 3 -11.55 -3.63 -15.99
CA PRO B 3 -10.85 -2.41 -15.58
C PRO B 3 -9.52 -2.69 -14.90
N GLU B 4 -8.75 -1.64 -14.64
CA GLU B 4 -7.46 -1.77 -13.98
C GLU B 4 -7.58 -1.68 -12.46
N ASP B 5 -8.65 -2.24 -11.92
CA ASP B 5 -8.87 -2.22 -10.47
C ASP B 5 -8.80 -3.63 -9.90
N ASP B 6 -7.63 -4.00 -9.40
CA ASP B 6 -7.42 -5.33 -8.81
C ASP B 6 -5.94 -5.54 -8.48
N TRP B 7 -5.47 -4.87 -7.44
CA TRP B 7 -4.08 -5.00 -7.02
C TRP B 7 -3.89 -6.09 -5.97
N LEU B 8 -4.71 -7.14 -6.06
CA LEU B 8 -4.63 -8.26 -5.14
C LEU B 8 -3.83 -9.40 -5.77
N GLU B 9 -2.69 -9.04 -6.33
CA GLU B 9 -1.81 -10.01 -6.97
C GLU B 9 -0.35 -9.69 -6.63
N ASN B 10 0.02 -10.02 -5.38
CA ASN B 10 1.37 -9.77 -4.89
C ASN B 10 1.49 -8.35 -4.35
N ILE B 11 0.63 -8.02 -3.39
CA ILE B 11 0.63 -6.70 -2.79
C ILE B 11 1.78 -6.52 -1.81
N ASP B 12 2.10 -5.27 -1.50
CA ASP B 12 3.19 -4.95 -0.59
C ASP B 12 2.64 -4.56 0.77
N VAL B 13 2.58 -5.52 1.70
CA VAL B 13 2.06 -5.26 3.03
C VAL B 13 3.13 -4.64 3.93
N CYS B 14 2.92 -3.39 4.29
CA CYS B 14 3.86 -2.68 5.16
C CYS B 14 4.04 -3.40 6.49
N GLU B 15 5.06 -4.26 6.54
CA GLU B 15 5.35 -5.03 7.74
C GLU B 15 5.52 -4.14 8.97
N ASN B 16 5.86 -2.88 8.75
CA ASN B 16 6.05 -1.94 9.84
C ASN B 16 4.82 -1.90 10.75
N CYS B 17 3.65 -2.02 10.14
CA CYS B 17 2.39 -1.99 10.90
C CYS B 17 1.48 -3.17 10.52
N HIS B 18 1.89 -3.96 9.53
CA HIS B 18 1.10 -5.11 9.07
C HIS B 18 -0.02 -4.68 8.12
N TYR B 19 -0.29 -3.38 8.05
CA TYR B 19 -1.33 -2.86 7.18
C TYR B 19 -0.88 -2.89 5.73
N PRO B 20 -1.81 -3.15 4.80
CA PRO B 20 -1.50 -3.20 3.37
C PRO B 20 -1.35 -1.82 2.76
N ILE B 21 -0.10 -1.41 2.53
CA ILE B 21 0.18 -0.11 1.94
C ILE B 21 -0.32 -0.06 0.48
N VAL B 22 -1.48 0.56 0.29
CA VAL B 22 -2.08 0.68 -1.03
C VAL B 22 -1.95 2.13 -1.49
N PRO B 23 -2.01 2.33 -2.78
CA PRO B 23 -1.92 3.63 -3.41
C PRO B 23 -3.28 4.29 -3.60
N LEU B 24 -3.71 5.02 -2.58
CA LEU B 24 -5.00 5.70 -2.61
C LEU B 24 -5.17 6.52 -3.88
N ASP B 25 -6.41 6.89 -4.17
CA ASP B 25 -6.72 7.68 -5.37
C ASP B 25 -6.29 6.95 -6.64
N GLY B 26 -6.52 7.58 -7.78
CA GLY B 26 -6.15 6.99 -9.05
C GLY B 26 -7.34 6.35 -9.75
N LYS B 27 -8.45 7.08 -9.80
CA LYS B 27 -9.66 6.58 -10.45
C LYS B 27 -10.69 7.69 -10.60
N GLY B 28 -11.29 7.78 -11.78
CA GLY B 28 -12.30 8.80 -12.02
C GLY B 28 -11.76 9.97 -12.82
N THR B 29 -11.49 9.72 -14.10
CA THR B 29 -10.95 10.77 -14.98
C THR B 29 -11.47 10.58 -16.41
N ARG A 1 -14.60 10.00 5.47
CA ARG A 1 -15.62 9.31 6.32
C ARG A 1 -15.34 7.82 6.39
N ASN A 2 -14.99 7.34 7.58
CA ASN A 2 -14.70 5.93 7.80
C ASN A 2 -13.52 5.48 6.93
N ARG A 3 -12.31 5.68 7.44
CA ARG A 3 -11.11 5.31 6.72
C ARG A 3 -10.82 3.81 6.87
N ARG A 4 -9.98 3.27 5.99
CA ARG A 4 -9.63 1.86 6.03
C ARG A 4 -8.42 1.63 6.92
N ARG A 5 -8.52 0.63 7.80
CA ARG A 5 -7.43 0.29 8.70
C ARG A 5 -6.20 -0.17 7.93
N VAL A 6 -5.39 0.79 7.49
CA VAL A 6 -4.19 0.49 6.72
C VAL A 6 -2.96 1.15 7.34
N CYS A 7 -1.84 1.04 6.63
CA CYS A 7 -0.56 1.58 7.09
C CYS A 7 -0.67 3.03 7.58
N LYS A 8 -0.12 3.26 8.77
CA LYS A 8 -0.08 4.58 9.36
C LYS A 8 1.34 4.83 9.86
N CYS A 9 2.25 4.96 8.91
CA CYS A 9 3.65 5.19 9.20
C CYS A 9 4.09 6.59 8.75
N PRO A 10 4.91 7.28 9.57
CA PRO A 10 5.39 8.62 9.23
C PRO A 10 6.34 8.60 8.04
N ARG A 11 5.79 8.68 6.84
CA ARG A 11 6.58 8.65 5.62
C ARG A 11 7.19 7.26 5.43
N PRO A 12 6.41 6.32 4.86
CA PRO A 12 6.87 4.95 4.62
C PRO A 12 8.23 4.89 3.96
N VAL A 13 8.85 3.72 4.00
CA VAL A 13 10.17 3.53 3.40
C VAL A 13 10.05 3.17 1.92
N VAL A 14 10.91 3.76 1.10
CA VAL A 14 10.90 3.50 -0.33
C VAL A 14 12.08 2.62 -0.74
N LYS A 15 11.78 1.44 -1.26
CA LYS A 15 12.81 0.51 -1.69
C LYS A 15 13.10 0.66 -3.18
N SER A 16 14.34 0.40 -3.57
CA SER A 16 14.75 0.51 -4.96
C SER A 16 15.09 -0.86 -5.54
N GLY A 17 15.64 -0.88 -6.75
CA GLY A 17 16.00 -2.13 -7.39
C GLY A 17 14.91 -2.66 -8.29
N ASP A 18 15.25 -2.93 -9.55
CA ASP A 18 14.29 -3.45 -10.51
C ASP A 18 14.60 -4.90 -10.87
N LYS A 19 15.08 -5.65 -9.88
CA LYS A 19 15.42 -7.06 -10.09
C LYS A 19 14.39 -7.96 -9.42
N SER B 1 12.35 -11.41 -14.21
CA SER B 1 11.03 -11.94 -14.66
C SER B 1 9.90 -11.48 -13.74
N HIS B 2 9.45 -10.24 -13.93
CA HIS B 2 8.39 -9.68 -13.11
C HIS B 2 7.12 -9.49 -13.93
N PRO B 3 6.14 -10.40 -13.80
CA PRO B 3 4.87 -10.33 -14.53
C PRO B 3 4.17 -8.98 -14.36
N GLU B 4 2.95 -8.89 -14.85
CA GLU B 4 2.17 -7.65 -14.75
C GLU B 4 1.34 -7.63 -13.47
N ASP B 5 1.92 -8.11 -12.37
CA ASP B 5 1.23 -8.14 -11.09
C ASP B 5 2.22 -8.18 -9.93
N ASP B 6 1.74 -7.92 -8.73
CA ASP B 6 2.58 -7.93 -7.54
C ASP B 6 1.78 -7.53 -6.31
N TRP B 7 0.89 -8.41 -5.87
CA TRP B 7 0.05 -8.16 -4.70
C TRP B 7 -1.12 -7.26 -5.06
N LEU B 8 -2.26 -7.89 -5.37
CA LEU B 8 -3.49 -7.20 -5.73
C LEU B 8 -3.23 -5.84 -6.36
N GLU B 9 -2.28 -5.81 -7.29
CA GLU B 9 -1.90 -4.59 -8.03
C GLU B 9 -0.65 -3.92 -7.45
N ASN B 10 0.51 -4.56 -7.65
CA ASN B 10 1.79 -4.03 -7.18
C ASN B 10 1.68 -3.47 -5.76
N ILE B 11 1.02 -4.20 -4.87
CA ILE B 11 0.84 -3.79 -3.49
C ILE B 11 1.87 -4.47 -2.59
N ASP B 12 2.03 -3.93 -1.39
CA ASP B 12 2.97 -4.49 -0.42
C ASP B 12 2.46 -4.28 1.01
N VAL B 13 2.46 -5.36 1.79
CA VAL B 13 1.99 -5.29 3.17
C VAL B 13 3.09 -4.78 4.10
N CYS B 14 2.93 -3.53 4.53
CA CYS B 14 3.89 -2.90 5.43
C CYS B 14 4.00 -3.69 6.74
N GLU B 15 4.98 -4.59 6.79
CA GLU B 15 5.20 -5.43 7.97
C GLU B 15 5.35 -4.57 9.23
N ASN B 16 5.74 -3.31 9.05
CA ASN B 16 5.91 -2.41 10.19
C ASN B 16 4.65 -2.36 11.04
N CYS B 17 3.50 -2.37 10.38
CA CYS B 17 2.22 -2.32 11.08
C CYS B 17 1.28 -3.43 10.62
N HIS B 18 1.71 -4.22 9.63
CA HIS B 18 0.90 -5.32 9.11
C HIS B 18 -0.16 -4.83 8.12
N TYR B 19 -0.39 -3.52 8.08
CA TYR B 19 -1.37 -2.93 7.20
C TYR B 19 -0.87 -2.96 5.75
N PRO B 20 -1.79 -3.07 4.78
CA PRO B 20 -1.43 -3.10 3.37
C PRO B 20 -1.14 -1.71 2.80
N ILE B 21 0.14 -1.39 2.65
CA ILE B 21 0.54 -0.10 2.11
C ILE B 21 0.14 0.00 0.64
N VAL B 22 -0.96 0.71 0.38
CA VAL B 22 -1.47 0.88 -0.96
C VAL B 22 -1.32 2.36 -1.33
N PRO B 23 -1.30 2.63 -2.62
CA PRO B 23 -1.16 3.96 -3.18
C PRO B 23 -2.50 4.66 -3.34
N LEU B 24 -2.61 5.88 -2.82
CA LEU B 24 -3.83 6.66 -2.90
C LEU B 24 -4.37 6.70 -4.33
N ASP B 25 -5.63 7.12 -4.47
CA ASP B 25 -6.26 7.22 -5.77
C ASP B 25 -5.50 8.17 -6.69
N GLY B 26 -5.39 7.81 -7.96
CA GLY B 26 -4.68 8.65 -8.91
C GLY B 26 -5.44 8.79 -10.22
N LYS B 27 -5.45 10.02 -10.75
CA LYS B 27 -6.14 10.29 -12.00
C LYS B 27 -5.40 11.35 -12.81
N GLY B 28 -4.30 10.94 -13.43
CA GLY B 28 -3.51 11.87 -14.23
C GLY B 28 -2.05 11.89 -13.83
N THR B 29 -1.39 10.74 -13.92
CA THR B 29 0.02 10.62 -13.56
C THR B 29 0.88 10.35 -14.78
N ARG A 1 -19.09 5.93 7.76
CA ARG A 1 -17.85 6.24 6.98
C ARG A 1 -16.68 6.51 7.91
N ASN A 2 -15.74 5.55 7.96
CA ASN A 2 -14.56 5.68 8.80
C ASN A 2 -13.30 5.26 8.05
N ARG A 3 -12.15 5.69 8.56
CA ARG A 3 -10.87 5.35 7.94
C ARG A 3 -10.65 3.85 7.92
N ARG A 4 -9.85 3.38 6.98
CA ARG A 4 -9.55 1.96 6.86
C ARG A 4 -8.30 1.60 7.65
N ARG A 5 -8.27 0.38 8.18
CA ARG A 5 -7.13 -0.10 8.96
C ARG A 5 -5.94 -0.43 8.06
N VAL A 6 -5.41 0.60 7.40
CA VAL A 6 -4.27 0.41 6.50
C VAL A 6 -3.04 1.15 7.02
N CYS A 7 -1.96 1.07 6.25
CA CYS A 7 -0.68 1.68 6.61
C CYS A 7 -0.83 3.12 7.10
N LYS A 8 -0.33 3.35 8.31
CA LYS A 8 -0.32 4.68 8.90
C LYS A 8 1.08 4.95 9.45
N CYS A 9 2.02 5.10 8.55
CA CYS A 9 3.41 5.36 8.91
C CYS A 9 3.76 6.84 8.75
N PRO A 10 4.46 7.42 9.74
CA PRO A 10 4.85 8.83 9.71
C PRO A 10 6.19 9.04 8.99
N ARG A 11 6.49 8.13 8.08
CA ARG A 11 7.73 8.17 7.32
C ARG A 11 7.96 6.84 6.59
N PRO A 12 7.19 6.60 5.50
CA PRO A 12 7.29 5.36 4.74
C PRO A 12 8.72 5.06 4.31
N VAL A 13 9.14 3.81 4.50
CA VAL A 13 10.49 3.38 4.14
C VAL A 13 10.66 3.32 2.63
N VAL A 14 11.87 3.62 2.15
CA VAL A 14 12.16 3.61 0.73
C VAL A 14 12.55 2.21 0.26
N LYS A 15 12.10 1.83 -0.93
CA LYS A 15 12.41 0.52 -1.48
C LYS A 15 13.06 0.65 -2.85
N SER A 16 14.09 -0.15 -3.09
CA SER A 16 14.80 -0.12 -4.36
C SER A 16 13.96 -0.75 -5.48
N GLY A 17 14.38 -0.54 -6.72
CA GLY A 17 13.65 -1.09 -7.85
C GLY A 17 14.46 -2.14 -8.60
N ASP A 18 14.29 -2.18 -9.91
CA ASP A 18 15.00 -3.14 -10.75
C ASP A 18 16.41 -2.64 -11.05
N LYS A 19 17.42 -3.35 -10.53
CA LYS A 19 18.81 -2.99 -10.74
C LYS A 19 19.72 -4.21 -10.65
N SER B 1 -18.85 -1.65 -12.35
CA SER B 1 -17.60 -0.88 -12.58
C SER B 1 -16.42 -1.50 -11.84
N HIS B 2 -16.41 -2.83 -11.75
CA HIS B 2 -15.35 -3.54 -11.07
C HIS B 2 -15.32 -3.19 -9.58
N PRO B 3 -15.25 -4.21 -8.70
CA PRO B 3 -15.22 -3.99 -7.24
C PRO B 3 -14.11 -3.04 -6.83
N GLU B 4 -14.36 -2.25 -5.80
CA GLU B 4 -13.38 -1.30 -5.29
C GLU B 4 -12.50 -1.93 -4.21
N ASP B 5 -12.12 -3.18 -4.42
CA ASP B 5 -11.27 -3.89 -3.46
C ASP B 5 -10.70 -5.16 -4.07
N ASP B 6 -9.39 -5.35 -3.95
CA ASP B 6 -8.72 -6.53 -4.48
C ASP B 6 -7.23 -6.48 -4.21
N TRP B 7 -6.86 -6.64 -2.94
CA TRP B 7 -5.46 -6.61 -2.54
C TRP B 7 -5.30 -6.97 -1.06
N LEU B 8 -6.16 -7.85 -0.57
CA LEU B 8 -6.13 -8.29 0.82
C LEU B 8 -5.88 -9.79 0.89
N GLU B 9 -4.83 -10.24 0.22
CA GLU B 9 -4.47 -11.65 0.20
C GLU B 9 -3.20 -11.87 -0.62
N ASN B 10 -2.06 -11.83 0.06
CA ASN B 10 -0.76 -12.01 -0.60
C ASN B 10 -0.38 -10.76 -1.39
N ILE B 11 -0.43 -9.62 -0.72
CA ILE B 11 -0.12 -8.35 -1.34
C ILE B 11 0.94 -7.60 -0.53
N ASP B 12 1.55 -6.59 -1.14
CA ASP B 12 2.57 -5.79 -0.48
C ASP B 12 2.02 -5.14 0.78
N VAL B 13 2.05 -5.87 1.88
CA VAL B 13 1.55 -5.37 3.15
C VAL B 13 2.68 -4.82 4.01
N CYS B 14 2.67 -3.50 4.19
CA CYS B 14 3.69 -2.82 4.98
C CYS B 14 3.92 -3.52 6.32
N GLU B 15 4.92 -4.40 6.34
CA GLU B 15 5.25 -5.16 7.56
C GLU B 15 5.56 -4.22 8.72
N ASN B 16 5.93 -2.98 8.41
CA ASN B 16 6.26 -2.00 9.44
C ASN B 16 5.11 -1.87 10.43
N CYS B 17 3.89 -1.88 9.92
CA CYS B 17 2.71 -1.76 10.75
C CYS B 17 1.73 -2.92 10.51
N HIS B 18 2.04 -3.78 9.54
CA HIS B 18 1.20 -4.93 9.21
C HIS B 18 0.01 -4.51 8.32
N TYR B 19 -0.24 -3.21 8.23
CA TYR B 19 -1.32 -2.69 7.42
C TYR B 19 -0.93 -2.67 5.95
N PRO B 20 -1.88 -3.01 5.05
CA PRO B 20 -1.64 -3.04 3.61
C PRO B 20 -1.41 -1.66 3.00
N ILE B 21 -0.22 -1.45 2.45
CA ILE B 21 0.11 -0.19 1.81
C ILE B 21 -0.43 -0.14 0.38
N VAL B 22 -1.51 0.62 0.20
CA VAL B 22 -2.14 0.75 -1.11
C VAL B 22 -1.65 2.05 -1.76
N PRO B 23 -1.74 2.10 -3.07
CA PRO B 23 -1.34 3.23 -3.88
C PRO B 23 -2.48 4.21 -4.10
N LEU B 24 -2.17 5.50 -4.12
CA LEU B 24 -3.16 6.54 -4.33
C LEU B 24 -4.02 6.26 -5.55
N ASP B 25 -5.34 6.29 -5.37
CA ASP B 25 -6.27 6.03 -6.46
C ASP B 25 -7.32 7.13 -6.54
N GLY B 26 -8.04 7.17 -7.67
CA GLY B 26 -9.06 8.19 -7.85
C GLY B 26 -9.33 8.47 -9.31
N LYS B 27 -10.11 7.60 -9.95
CA LYS B 27 -10.44 7.78 -11.36
C LYS B 27 -11.68 8.66 -11.53
N GLY B 28 -11.98 9.03 -12.77
CA GLY B 28 -13.12 9.87 -13.04
C GLY B 28 -12.78 11.35 -13.01
N THR B 29 -13.76 12.17 -12.69
CA THR B 29 -13.56 13.62 -12.63
C THR B 29 -13.25 14.08 -11.21
N ARG A 1 -19.35 4.27 7.38
CA ARG A 1 -18.33 4.93 8.22
C ARG A 1 -17.41 3.90 8.87
N ASN A 2 -17.22 2.78 8.20
CA ASN A 2 -16.36 1.71 8.71
C ASN A 2 -15.32 1.31 7.67
N ARG A 3 -14.24 2.08 7.59
CA ARG A 3 -13.17 1.80 6.63
C ARG A 3 -12.19 0.78 7.20
N ARG A 4 -11.38 0.20 6.31
CA ARG A 4 -10.39 -0.80 6.71
C ARG A 4 -9.08 -0.13 7.11
N ARG A 5 -8.64 -0.38 8.34
CA ARG A 5 -7.39 0.20 8.83
C ARG A 5 -6.21 -0.23 7.97
N VAL A 6 -5.41 0.74 7.57
CA VAL A 6 -4.24 0.47 6.73
C VAL A 6 -2.99 1.16 7.27
N CYS A 7 -1.92 1.11 6.48
CA CYS A 7 -0.63 1.69 6.86
C CYS A 7 -0.76 3.08 7.47
N LYS A 8 -0.14 3.26 8.63
CA LYS A 8 -0.11 4.53 9.31
C LYS A 8 1.32 4.84 9.72
N CYS A 9 2.14 5.10 8.72
CA CYS A 9 3.55 5.41 8.95
C CYS A 9 3.83 6.88 8.60
N PRO A 10 4.48 7.63 9.50
CA PRO A 10 4.81 9.04 9.27
C PRO A 10 6.09 9.22 8.47
N ARG A 11 6.41 8.22 7.65
CA ARG A 11 7.61 8.24 6.82
C ARG A 11 7.87 6.85 6.24
N PRO A 12 7.08 6.45 5.23
CA PRO A 12 7.21 5.14 4.60
C PRO A 12 8.64 4.85 4.14
N VAL A 13 9.03 3.58 4.17
CA VAL A 13 10.37 3.18 3.77
C VAL A 13 10.53 3.25 2.25
N VAL A 14 11.70 3.68 1.81
CA VAL A 14 11.99 3.80 0.38
C VAL A 14 12.63 2.52 -0.15
N LYS A 15 12.12 2.03 -1.27
CA LYS A 15 12.63 0.81 -1.88
C LYS A 15 14.08 0.99 -2.32
N SER A 16 15.01 0.57 -1.47
CA SER A 16 16.44 0.67 -1.78
C SER A 16 16.81 2.11 -2.16
N GLY A 17 16.78 3.01 -1.20
CA GLY A 17 17.12 4.39 -1.45
C GLY A 17 18.54 4.73 -1.06
N ASP A 18 18.82 6.02 -0.91
CA ASP A 18 20.16 6.47 -0.54
C ASP A 18 20.23 6.77 0.96
N LYS A 19 19.46 6.02 1.75
CA LYS A 19 19.44 6.20 3.19
C LYS A 19 18.95 7.59 3.55
N SER B 1 3.04 -11.40 -21.21
CA SER B 1 1.74 -11.97 -21.65
C SER B 1 0.60 -11.47 -20.79
N HIS B 2 0.61 -11.87 -19.52
CA HIS B 2 -0.43 -11.47 -18.57
C HIS B 2 -0.04 -11.81 -17.14
N PRO B 3 -0.31 -10.91 -16.19
CA PRO B 3 0.02 -11.12 -14.78
C PRO B 3 -0.92 -12.12 -14.10
N GLU B 4 -0.34 -13.07 -13.38
CA GLU B 4 -1.12 -14.08 -12.68
C GLU B 4 -1.46 -13.64 -11.26
N ASP B 5 -1.81 -12.36 -11.12
CA ASP B 5 -2.16 -11.80 -9.81
C ASP B 5 -0.96 -11.83 -8.87
N ASP B 6 -0.98 -10.97 -7.86
CA ASP B 6 0.10 -10.89 -6.89
C ASP B 6 -0.19 -9.83 -5.83
N TRP B 7 -1.17 -10.10 -4.98
CA TRP B 7 -1.56 -9.17 -3.92
C TRP B 7 -2.27 -7.95 -4.49
N LEU B 8 -3.61 -8.01 -4.50
CA LEU B 8 -4.46 -6.95 -4.99
C LEU B 8 -3.76 -6.05 -6.00
N GLU B 9 -3.08 -6.69 -6.94
CA GLU B 9 -2.35 -6.01 -8.02
C GLU B 9 -0.94 -5.60 -7.57
N ASN B 10 -0.05 -6.58 -7.51
CA ASN B 10 1.34 -6.36 -7.12
C ASN B 10 1.45 -5.45 -5.89
N ILE B 11 0.61 -5.70 -4.89
CA ILE B 11 0.61 -4.91 -3.67
C ILE B 11 1.47 -5.56 -2.59
N ASP B 12 1.85 -4.78 -1.60
CA ASP B 12 2.68 -5.27 -0.50
C ASP B 12 2.10 -4.85 0.84
N VAL B 13 2.32 -5.67 1.86
CA VAL B 13 1.80 -5.39 3.19
C VAL B 13 2.90 -4.81 4.08
N CYS B 14 2.81 -3.53 4.37
CA CYS B 14 3.78 -2.83 5.21
C CYS B 14 3.97 -3.56 6.54
N GLU B 15 4.98 -4.42 6.59
CA GLU B 15 5.26 -5.19 7.81
C GLU B 15 5.45 -4.28 9.01
N ASN B 16 5.81 -3.03 8.76
CA ASN B 16 6.03 -2.06 9.83
C ASN B 16 4.81 -1.98 10.75
N CYS B 17 3.63 -2.06 10.15
CA CYS B 17 2.38 -1.99 10.90
C CYS B 17 1.44 -3.15 10.55
N HIS B 18 1.85 -3.99 9.59
CA HIS B 18 1.03 -5.12 9.16
C HIS B 18 -0.11 -4.70 8.24
N TYR B 19 -0.25 -3.39 8.03
CA TYR B 19 -1.28 -2.85 7.17
C TYR B 19 -0.87 -2.91 5.71
N PRO B 20 -1.84 -3.03 4.79
CA PRO B 20 -1.57 -3.11 3.36
C PRO B 20 -1.31 -1.74 2.74
N ILE B 21 -0.04 -1.41 2.52
CA ILE B 21 0.32 -0.13 1.92
C ILE B 21 -0.16 -0.08 0.47
N VAL B 22 -1.30 0.58 0.26
CA VAL B 22 -1.88 0.71 -1.06
C VAL B 22 -1.70 2.14 -1.53
N PRO B 23 -1.76 2.33 -2.83
CA PRO B 23 -1.60 3.60 -3.49
C PRO B 23 -2.95 4.30 -3.71
N LEU B 24 -3.32 5.18 -2.77
CA LEU B 24 -4.56 5.91 -2.86
C LEU B 24 -4.73 6.58 -4.23
N ASP B 25 -5.96 6.95 -4.56
CA ASP B 25 -6.25 7.59 -5.84
C ASP B 25 -7.12 8.83 -5.63
N GLY B 26 -7.39 9.53 -6.72
CA GLY B 26 -8.21 10.73 -6.65
C GLY B 26 -7.79 11.78 -7.66
N LYS B 27 -8.68 12.08 -8.61
CA LYS B 27 -8.39 13.07 -9.64
C LYS B 27 -8.84 14.46 -9.20
N GLY B 28 -8.05 15.08 -8.34
CA GLY B 28 -8.38 16.41 -7.86
C GLY B 28 -7.97 17.51 -8.82
N THR B 29 -8.55 18.68 -8.66
CA THR B 29 -8.24 19.82 -9.53
C THR B 29 -8.62 21.14 -8.85
#